data_6WK5
#
_entry.id   6WK5
#
_cell.length_a   141.800
_cell.length_b   51.093
_cell.length_c   108.433
_cell.angle_alpha   90.000
_cell.angle_beta   93.080
_cell.angle_gamma   90.000
#
_symmetry.space_group_name_H-M   'C 1 2 1'
#
loop_
_entity.id
_entity.type
_entity.pdbx_description
1 polymer 'Multidrug resistance protein, SMR family'
2 polymer 'L10 monobody'
#
loop_
_entity_poly.entity_id
_entity_poly.type
_entity_poly.pdbx_seq_one_letter_code
_entity_poly.pdbx_strand_id
1 'polypeptide(L)'
;(MSE)AWLILIIAGIFEVVWAIALKYSNGFTRLIPS(MSE)ITLIG(MSE)LISFYLLSQATKTLPIGTAYAIWTGIGAL
GAVICGIIFFKEPLTALRIVF(MSE)ILLLTGIIGLKATSS
;
B,A
2 'polypeptide(L)'
;VSSVPTKLEVVAATPTSLLISWDAGHWWEWVTYYRITYGETGGNSPVQEFTVPGYSSTATISGLKPGVDYTITVYAPTSD
YGSPISINYRT
;
C,D
#
# COMPACT_ATOMS: atom_id res chain seq x y z
N MSE A 1 -16.20 10.13 -15.55
CA MSE A 1 -15.19 10.33 -14.52
C MSE A 1 -14.57 9.03 -14.04
O MSE A 1 -13.35 8.89 -14.06
CB MSE A 1 -15.79 11.07 -13.32
CG MSE A 1 -15.24 12.48 -13.14
SE MSE A 1 -13.29 12.53 -13.10
CE MSE A 1 -13.04 13.04 -11.24
N ALA A 2 -15.42 8.08 -13.64
CA ALA A 2 -14.94 6.79 -13.17
C ALA A 2 -14.02 6.13 -14.18
N TRP A 3 -14.21 6.40 -15.46
CA TRP A 3 -13.33 5.83 -16.47
C TRP A 3 -11.97 6.52 -16.46
N LEU A 4 -11.96 7.85 -16.33
CA LEU A 4 -10.71 8.57 -16.22
C LEU A 4 -9.91 8.12 -15.00
N ILE A 5 -10.60 7.90 -13.88
CA ILE A 5 -9.96 7.36 -12.68
C ILE A 5 -9.36 5.99 -12.97
N LEU A 6 -10.07 5.18 -13.76
CA LEU A 6 -9.54 3.87 -14.13
C LEU A 6 -8.26 3.99 -14.96
N ILE A 7 -8.27 4.91 -15.92
CA ILE A 7 -7.08 5.11 -16.75
C ILE A 7 -5.90 5.49 -15.88
N ILE A 8 -6.10 6.45 -14.97
CA ILE A 8 -5.02 6.92 -14.13
C ILE A 8 -4.55 5.81 -13.20
N ALA A 9 -5.47 4.96 -12.74
CA ALA A 9 -5.11 3.84 -11.89
C ALA A 9 -4.24 2.84 -12.62
N GLY A 10 -4.54 2.57 -13.90
CA GLY A 10 -3.68 1.69 -14.67
C GLY A 10 -2.31 2.29 -14.94
N ILE A 11 -2.28 3.59 -15.22
CA ILE A 11 -1.00 4.30 -15.33
C ILE A 11 -0.16 4.05 -14.09
N PHE A 12 -0.72 4.32 -12.91
CA PHE A 12 0.06 4.13 -11.69
C PHE A 12 0.37 2.67 -11.44
N GLU A 13 -0.49 1.77 -11.90
CA GLU A 13 -0.18 0.35 -11.86
C GLU A 13 1.16 0.09 -12.54
N VAL A 14 1.32 0.58 -13.77
CA VAL A 14 2.58 0.30 -14.46
C VAL A 14 3.74 1.08 -13.82
N VAL A 15 3.48 2.27 -13.26
CA VAL A 15 4.59 3.01 -12.65
C VAL A 15 5.13 2.24 -11.44
N TRP A 16 4.25 1.72 -10.58
CA TRP A 16 4.77 1.00 -9.44
C TRP A 16 5.31 -0.36 -9.86
N ALA A 17 4.78 -0.94 -10.94
CA ALA A 17 5.33 -2.20 -11.42
C ALA A 17 6.79 -2.04 -11.84
N ILE A 18 7.12 -0.95 -12.53
CA ILE A 18 8.51 -0.79 -12.96
C ILE A 18 9.39 -0.32 -11.80
N ALA A 19 8.86 0.54 -10.92
CA ALA A 19 9.66 0.99 -9.80
C ALA A 19 9.98 -0.15 -8.86
N LEU A 20 9.12 -1.18 -8.81
CA LEU A 20 9.41 -2.34 -7.98
C LEU A 20 10.69 -3.04 -8.43
N LYS A 21 10.81 -3.31 -9.72
CA LYS A 21 12.03 -3.97 -10.21
C LYS A 21 13.22 -3.02 -10.16
N TYR A 22 12.99 -1.71 -10.22
CA TYR A 22 14.12 -0.81 -10.04
C TYR A 22 14.57 -0.71 -8.59
N SER A 23 13.70 -1.01 -7.65
CA SER A 23 14.17 -1.30 -6.31
C SER A 23 14.81 -2.68 -6.29
N ASN A 24 15.69 -2.90 -5.31
CA ASN A 24 16.26 -4.22 -5.14
C ASN A 24 15.34 -5.05 -4.25
N GLY A 25 15.87 -5.62 -3.18
CA GLY A 25 15.03 -6.32 -2.24
C GLY A 25 14.15 -5.37 -1.45
N PHE A 26 13.45 -4.48 -2.16
CA PHE A 26 12.77 -3.33 -1.54
C PHE A 26 13.76 -2.49 -0.74
N THR A 27 14.98 -2.34 -1.27
CA THR A 27 16.07 -1.74 -0.51
C THR A 27 16.63 -0.46 -1.11
N ARG A 28 16.32 -0.14 -2.36
CA ARG A 28 16.67 1.17 -2.92
C ARG A 28 15.56 2.14 -2.56
N LEU A 29 15.91 3.21 -1.83
CA LEU A 29 14.92 4.12 -1.27
C LEU A 29 14.01 4.70 -2.35
N ILE A 30 14.59 5.52 -3.23
CA ILE A 30 13.77 6.27 -4.20
C ILE A 30 12.89 5.35 -5.04
N PRO A 31 13.39 4.23 -5.59
CA PRO A 31 12.46 3.29 -6.24
C PRO A 31 11.39 2.82 -5.27
N SER A 32 11.79 2.25 -4.13
CA SER A 32 10.82 1.70 -3.19
C SER A 32 9.73 2.71 -2.88
N MSE A 33 10.11 3.93 -2.52
CA MSE A 33 9.16 4.99 -2.24
C MSE A 33 8.13 5.12 -3.34
O MSE A 33 6.93 5.18 -3.09
CB MSE A 33 9.87 6.32 -2.06
CG MSE A 33 10.92 6.32 -0.99
SE MSE A 33 10.63 7.71 0.33
CE MSE A 33 9.00 7.02 1.16
N ILE A 34 8.62 5.16 -4.59
CA ILE A 34 7.73 5.30 -5.73
C ILE A 34 6.80 4.10 -5.84
N THR A 35 7.32 2.89 -5.59
CA THR A 35 6.46 1.71 -5.58
C THR A 35 5.36 1.86 -4.54
N LEU A 36 5.74 2.17 -3.31
CA LEU A 36 4.77 2.30 -2.23
C LEU A 36 3.71 3.35 -2.55
N ILE A 37 4.16 4.50 -3.05
CA ILE A 37 3.21 5.56 -3.43
C ILE A 37 2.33 5.10 -4.58
N GLY A 38 2.95 4.69 -5.68
CA GLY A 38 2.18 4.31 -6.87
C GLY A 38 1.16 3.24 -6.58
N MSE A 39 1.48 2.29 -5.71
CA MSE A 39 0.52 1.31 -5.25
C MSE A 39 -0.66 2.01 -4.59
O MSE A 39 -1.80 1.92 -5.07
CB MSE A 39 1.16 0.34 -4.27
CG MSE A 39 2.04 -0.70 -4.93
SE MSE A 39 2.77 -1.96 -3.64
CE MSE A 39 1.12 -2.44 -2.73
N LEU A 40 -0.36 2.73 -3.50
CA LEU A 40 -1.41 3.33 -2.68
C LEU A 40 -2.34 4.19 -3.51
N ILE A 41 -1.79 4.97 -4.44
CA ILE A 41 -2.64 5.72 -5.36
C ILE A 41 -3.48 4.77 -6.20
N SER A 42 -2.80 3.91 -6.99
CA SER A 42 -3.46 3.00 -7.92
C SER A 42 -4.68 2.34 -7.30
N PHE A 43 -4.44 1.46 -6.33
CA PHE A 43 -5.53 0.75 -5.68
C PHE A 43 -6.59 1.70 -5.15
N TYR A 44 -6.19 2.80 -4.51
CA TYR A 44 -7.17 3.77 -4.04
C TYR A 44 -8.09 4.19 -5.17
N LEU A 45 -7.51 4.66 -6.29
CA LEU A 45 -8.32 5.06 -7.43
C LEU A 45 -9.19 3.91 -7.91
N LEU A 46 -8.64 2.69 -7.94
CA LEU A 46 -9.47 1.54 -8.27
C LEU A 46 -10.67 1.45 -7.34
N SER A 47 -10.43 1.51 -6.02
CA SER A 47 -11.52 1.46 -5.06
C SER A 47 -12.55 2.54 -5.33
N GLN A 48 -12.11 3.69 -5.83
CA GLN A 48 -13.07 4.74 -6.18
C GLN A 48 -13.85 4.35 -7.43
N ALA A 49 -13.15 3.92 -8.48
CA ALA A 49 -13.81 3.61 -9.74
C ALA A 49 -14.82 2.48 -9.57
N THR A 50 -14.45 1.46 -8.79
CA THR A 50 -15.35 0.34 -8.53
C THR A 50 -16.63 0.76 -7.81
N LYS A 51 -16.69 1.96 -7.25
CA LYS A 51 -17.93 2.41 -6.61
C LYS A 51 -19.06 2.54 -7.62
N THR A 52 -18.75 3.01 -8.84
CA THR A 52 -19.77 3.27 -9.85
C THR A 52 -19.70 2.34 -11.05
N LEU A 53 -18.56 1.67 -11.29
CA LEU A 53 -18.42 0.78 -12.43
C LEU A 53 -18.48 -0.67 -11.99
N PRO A 54 -18.97 -1.57 -12.85
CA PRO A 54 -19.00 -2.99 -12.50
C PRO A 54 -17.60 -3.54 -12.27
N ILE A 55 -17.51 -4.49 -11.34
CA ILE A 55 -16.20 -4.94 -10.88
C ILE A 55 -15.47 -5.70 -11.98
N GLY A 56 -16.19 -6.45 -12.80
CA GLY A 56 -15.54 -7.15 -13.90
C GLY A 56 -14.94 -6.18 -14.91
N THR A 57 -15.74 -5.23 -15.39
CA THR A 57 -15.24 -4.24 -16.33
C THR A 57 -14.09 -3.44 -15.73
N ALA A 58 -14.24 -3.01 -14.48
CA ALA A 58 -13.22 -2.18 -13.84
C ALA A 58 -11.90 -2.95 -13.72
N TYR A 59 -11.97 -4.16 -13.16
CA TYR A 59 -10.76 -4.98 -13.03
C TYR A 59 -10.12 -5.21 -14.39
N ALA A 60 -10.93 -5.59 -15.39
CA ALA A 60 -10.36 -5.93 -16.69
C ALA A 60 -9.69 -4.72 -17.33
N ILE A 61 -10.34 -3.55 -17.28
CA ILE A 61 -9.77 -2.38 -17.94
C ILE A 61 -8.55 -1.88 -17.18
N TRP A 62 -8.57 -1.96 -15.85
CA TRP A 62 -7.41 -1.59 -15.04
C TRP A 62 -6.22 -2.47 -15.37
N THR A 63 -6.43 -3.80 -15.36
CA THR A 63 -5.39 -4.75 -15.74
C THR A 63 -4.91 -4.49 -17.16
N GLY A 64 -5.82 -4.19 -18.08
CA GLY A 64 -5.45 -4.00 -19.47
C GLY A 64 -4.62 -2.76 -19.69
N ILE A 65 -4.97 -1.67 -19.01
CA ILE A 65 -4.14 -0.47 -19.08
C ILE A 65 -2.77 -0.75 -18.51
N GLY A 66 -2.73 -1.45 -17.38
CA GLY A 66 -1.44 -1.84 -16.81
C GLY A 66 -0.59 -2.60 -17.79
N ALA A 67 -1.16 -3.60 -18.45
CA ALA A 67 -0.38 -4.44 -19.36
C ALA A 67 0.03 -3.69 -20.62
N LEU A 68 -0.90 -2.92 -21.19
CA LEU A 68 -0.59 -2.16 -22.40
C LEU A 68 0.52 -1.15 -22.15
N GLY A 69 0.43 -0.43 -21.03
CA GLY A 69 1.51 0.48 -20.67
C GLY A 69 2.79 -0.25 -20.34
N ALA A 70 2.70 -1.43 -19.72
CA ALA A 70 3.90 -2.22 -19.46
C ALA A 70 4.60 -2.56 -20.77
N VAL A 71 3.85 -2.94 -21.80
CA VAL A 71 4.50 -3.31 -23.06
C VAL A 71 5.00 -2.08 -23.80
N ILE A 72 4.24 -0.98 -23.76
CA ILE A 72 4.68 0.26 -24.38
C ILE A 72 6.01 0.68 -23.79
N CYS A 73 6.08 0.73 -22.44
CA CYS A 73 7.32 1.13 -21.77
C CYS A 73 8.43 0.10 -21.98
N GLY A 74 8.10 -1.19 -22.00
CA GLY A 74 9.12 -2.19 -22.22
C GLY A 74 9.80 -2.01 -23.56
N ILE A 75 9.01 -1.84 -24.61
CA ILE A 75 9.56 -1.57 -25.94
C ILE A 75 10.38 -0.28 -25.91
N ILE A 76 9.78 0.81 -25.44
CA ILE A 76 10.39 2.11 -25.67
C ILE A 76 11.65 2.28 -24.82
N PHE A 77 11.61 1.85 -23.55
CA PHE A 77 12.68 2.12 -22.60
C PHE A 77 13.52 0.89 -22.25
N PHE A 78 13.24 -0.28 -22.85
CA PHE A 78 13.93 -1.51 -22.46
C PHE A 78 14.41 -2.32 -23.66
N LYS A 79 14.32 -1.78 -24.87
CA LYS A 79 14.73 -2.47 -26.09
C LYS A 79 14.03 -3.82 -26.22
N GLU A 80 12.71 -3.79 -26.10
CA GLU A 80 11.94 -5.04 -26.15
C GLU A 80 11.54 -5.37 -27.58
N PRO A 81 11.51 -6.66 -27.93
CA PRO A 81 11.19 -7.05 -29.31
C PRO A 81 9.71 -6.80 -29.62
N LEU A 82 9.46 -6.13 -30.73
CA LEU A 82 8.11 -5.75 -31.14
C LEU A 82 7.65 -6.70 -32.24
N THR A 83 6.82 -7.67 -31.88
CA THR A 83 6.27 -8.61 -32.84
C THR A 83 5.02 -8.03 -33.47
N ALA A 84 4.65 -8.57 -34.64
CA ALA A 84 3.33 -8.32 -35.18
C ALA A 84 2.26 -9.00 -34.34
N LEU A 85 2.59 -10.15 -33.74
CA LEU A 85 1.72 -10.78 -32.76
C LEU A 85 1.41 -9.82 -31.62
N ARG A 86 2.45 -9.14 -31.11
CA ARG A 86 2.23 -8.18 -30.03
C ARG A 86 1.35 -7.03 -30.50
N ILE A 87 1.51 -6.61 -31.75
CA ILE A 87 0.68 -5.52 -32.27
C ILE A 87 -0.78 -5.95 -32.33
N VAL A 88 -1.05 -7.17 -32.81
CA VAL A 88 -2.45 -7.58 -32.87
C VAL A 88 -3.01 -7.77 -31.47
N PHE A 89 -2.17 -8.15 -30.50
CA PHE A 89 -2.67 -8.27 -29.13
C PHE A 89 -2.98 -6.90 -28.53
N MSE A 90 -2.15 -5.91 -28.79
CA MSE A 90 -2.38 -4.56 -28.31
C MSE A 90 -3.65 -3.99 -28.93
O MSE A 90 -4.43 -3.29 -28.28
CB MSE A 90 -1.19 -3.65 -28.64
CG MSE A 90 0.12 -4.04 -27.96
SE MSE A 90 1.71 -3.14 -28.68
CE MSE A 90 1.26 -1.30 -28.22
N ILE A 91 -3.85 -4.32 -30.22
CA ILE A 91 -5.06 -3.88 -30.92
C ILE A 91 -6.29 -4.51 -30.31
N LEU A 92 -6.22 -5.81 -30.00
CA LEU A 92 -7.35 -6.46 -29.33
C LEU A 92 -7.63 -5.81 -27.97
N LEU A 93 -6.57 -5.51 -27.22
CA LEU A 93 -6.74 -4.90 -25.90
C LEU A 93 -7.42 -3.54 -26.01
N LEU A 94 -6.93 -2.69 -26.91
CA LEU A 94 -7.53 -1.37 -27.07
C LEU A 94 -8.96 -1.47 -27.60
N THR A 95 -9.22 -2.40 -28.51
CA THR A 95 -10.58 -2.59 -29.01
C THR A 95 -11.52 -2.98 -27.87
N GLY A 96 -11.09 -3.92 -27.02
CA GLY A 96 -11.92 -4.30 -25.89
C GLY A 96 -12.20 -3.14 -24.94
N ILE A 97 -11.15 -2.38 -24.60
CA ILE A 97 -11.33 -1.26 -23.68
C ILE A 97 -12.30 -0.23 -24.25
N ILE A 98 -12.08 0.13 -25.51
CA ILE A 98 -12.89 1.17 -26.13
C ILE A 98 -14.34 0.72 -26.27
N GLY A 99 -14.55 -0.52 -26.72
CA GLY A 99 -15.91 -1.03 -26.85
C GLY A 99 -16.62 -1.13 -25.51
N LEU A 100 -15.90 -1.53 -24.47
CA LEU A 100 -16.50 -1.61 -23.15
C LEU A 100 -16.90 -0.23 -22.65
N LYS A 101 -16.05 0.78 -22.84
CA LYS A 101 -16.45 2.13 -22.46
C LYS A 101 -17.60 2.63 -23.32
N ALA A 102 -17.68 2.18 -24.57
CA ALA A 102 -18.75 2.61 -25.47
C ALA A 102 -20.06 1.89 -25.24
N THR A 103 -20.07 0.79 -24.49
CA THR A 103 -21.33 0.10 -24.16
C THR A 103 -21.81 0.43 -22.75
N SER A 104 -21.50 1.63 -22.26
CA SER A 104 -21.90 2.01 -20.90
C SER A 104 -23.36 2.41 -20.86
N MSE B 1 2.77 -29.07 -8.80
CA MSE B 1 1.97 -28.46 -7.74
C MSE B 1 2.04 -26.94 -7.80
O MSE B 1 1.12 -26.25 -7.39
CB MSE B 1 2.41 -28.97 -6.37
CG MSE B 1 1.63 -28.40 -5.20
SE MSE B 1 2.06 -29.25 -3.50
CE MSE B 1 1.27 -31.01 -3.82
N ALA B 2 3.16 -26.43 -8.32
CA ALA B 2 3.31 -24.99 -8.49
C ALA B 2 2.23 -24.42 -9.39
N TRP B 3 1.71 -25.25 -10.31
CA TRP B 3 0.55 -24.84 -11.09
C TRP B 3 -0.66 -24.59 -10.20
N LEU B 4 -0.86 -25.44 -9.19
CA LEU B 4 -2.06 -25.33 -8.36
C LEU B 4 -2.02 -24.07 -7.50
N ILE B 5 -0.86 -23.72 -6.96
CA ILE B 5 -0.79 -22.48 -6.19
C ILE B 5 -0.92 -21.27 -7.10
N LEU B 6 -0.55 -21.39 -8.38
CA LEU B 6 -0.86 -20.34 -9.34
C LEU B 6 -2.37 -20.20 -9.54
N ILE B 7 -3.06 -21.33 -9.68
CA ILE B 7 -4.53 -21.30 -9.78
C ILE B 7 -5.13 -20.63 -8.55
N ILE B 8 -4.59 -20.95 -7.37
CA ILE B 8 -5.15 -20.42 -6.14
C ILE B 8 -4.85 -18.93 -5.98
N ALA B 9 -3.69 -18.49 -6.47
CA ALA B 9 -3.42 -17.06 -6.50
C ALA B 9 -4.39 -16.35 -7.44
N GLY B 10 -4.65 -16.95 -8.60
CA GLY B 10 -5.66 -16.39 -9.48
C GLY B 10 -7.04 -16.34 -8.86
N ILE B 11 -7.35 -17.30 -8.00
CA ILE B 11 -8.65 -17.28 -7.32
C ILE B 11 -8.70 -16.16 -6.28
N PHE B 12 -7.62 -16.01 -5.50
CA PHE B 12 -7.57 -14.93 -4.52
C PHE B 12 -7.59 -13.56 -5.18
N GLU B 13 -7.11 -13.48 -6.42
CA GLU B 13 -7.28 -12.26 -7.19
C GLU B 13 -8.76 -11.88 -7.31
N VAL B 14 -9.59 -12.83 -7.77
CA VAL B 14 -11.03 -12.62 -7.83
C VAL B 14 -11.59 -12.32 -6.45
N VAL B 15 -11.04 -12.98 -5.43
CA VAL B 15 -11.51 -12.78 -4.06
C VAL B 15 -11.38 -11.31 -3.67
N TRP B 16 -10.18 -10.75 -3.80
CA TRP B 16 -10.02 -9.36 -3.39
C TRP B 16 -10.71 -8.41 -4.36
N ALA B 17 -10.94 -8.80 -5.62
CA ALA B 17 -11.73 -7.95 -6.50
C ALA B 17 -13.16 -7.82 -5.98
N ILE B 18 -13.80 -8.96 -5.67
CA ILE B 18 -15.16 -8.95 -5.16
C ILE B 18 -15.23 -8.23 -3.81
N ALA B 19 -14.22 -8.45 -2.96
CA ALA B 19 -14.21 -7.79 -1.66
C ALA B 19 -14.05 -6.27 -1.81
N LEU B 20 -13.23 -5.84 -2.77
CA LEU B 20 -13.09 -4.41 -3.03
C LEU B 20 -14.40 -3.83 -3.51
N LYS B 21 -15.14 -4.56 -4.34
CA LYS B 21 -16.47 -4.13 -4.71
C LYS B 21 -17.35 -3.98 -3.49
N TYR B 22 -17.32 -4.98 -2.59
CA TYR B 22 -18.14 -4.94 -1.39
C TYR B 22 -17.73 -3.85 -0.41
N SER B 23 -16.51 -3.34 -0.50
CA SER B 23 -16.02 -2.37 0.47
C SER B 23 -16.55 -0.96 0.24
N ASN B 24 -17.31 -0.72 -0.82
CA ASN B 24 -17.90 0.58 -1.13
C ASN B 24 -16.85 1.70 -1.08
N GLY B 25 -15.81 1.54 -1.89
CA GLY B 25 -14.75 2.52 -1.91
C GLY B 25 -13.85 2.48 -0.69
N PHE B 26 -13.59 1.29 -0.16
CA PHE B 26 -12.67 1.09 0.96
C PHE B 26 -13.19 1.75 2.24
N THR B 27 -14.49 1.64 2.49
CA THR B 27 -15.08 2.21 3.69
C THR B 27 -15.63 1.17 4.65
N ARG B 28 -16.11 0.03 4.16
CA ARG B 28 -16.68 -1.00 5.02
C ARG B 28 -15.57 -1.96 5.45
N LEU B 29 -15.18 -1.88 6.72
CA LEU B 29 -14.23 -2.82 7.28
C LEU B 29 -14.76 -4.24 7.17
N ILE B 30 -13.82 -5.16 6.93
CA ILE B 30 -13.97 -6.60 6.69
C ILE B 30 -13.87 -6.84 5.18
N PRO B 31 -14.76 -6.31 4.32
CA PRO B 31 -14.45 -6.32 2.89
C PRO B 31 -13.09 -5.70 2.60
N SER B 32 -12.87 -4.46 3.04
CA SER B 32 -11.53 -3.87 2.96
C SER B 32 -10.49 -4.84 3.48
N MSE B 33 -10.70 -5.40 4.67
CA MSE B 33 -9.75 -6.34 5.23
C MSE B 33 -9.58 -7.57 4.34
O MSE B 33 -8.47 -8.05 4.13
CB MSE B 33 -10.16 -6.76 6.62
CG MSE B 33 -10.19 -5.61 7.60
SE MSE B 33 -10.62 -6.18 9.40
CE MSE B 33 -8.99 -7.17 9.81
N ILE B 34 -10.69 -8.11 3.81
CA ILE B 34 -10.59 -9.22 2.87
C ILE B 34 -9.86 -8.78 1.61
N THR B 35 -10.03 -7.51 1.22
CA THR B 35 -9.38 -7.01 0.02
C THR B 35 -7.87 -6.93 0.20
N LEU B 36 -7.41 -6.55 1.39
CA LEU B 36 -5.98 -6.36 1.60
C LEU B 36 -5.26 -7.70 1.80
N ILE B 37 -5.78 -8.56 2.67
CA ILE B 37 -5.13 -9.85 2.89
C ILE B 37 -5.18 -10.69 1.63
N GLY B 38 -6.37 -10.81 1.01
CA GLY B 38 -6.50 -11.56 -0.21
C GLY B 38 -5.59 -11.05 -1.31
N MSE B 39 -5.21 -9.79 -1.25
CA MSE B 39 -4.20 -9.25 -2.14
C MSE B 39 -2.87 -9.95 -1.92
O MSE B 39 -2.37 -10.62 -2.81
CB MSE B 39 -4.04 -7.74 -1.96
CG MSE B 39 -4.51 -6.90 -3.14
SE MSE B 39 -5.00 -5.10 -2.60
CE MSE B 39 -5.16 -4.28 -4.36
N LEU B 40 -2.30 -9.80 -0.72
CA LEU B 40 -0.93 -10.28 -0.56
C LEU B 40 -0.83 -11.78 -0.43
N ILE B 41 -1.95 -12.48 -0.24
CA ILE B 41 -1.95 -13.90 -0.55
C ILE B 41 -1.65 -14.10 -2.04
N SER B 42 -2.49 -13.52 -2.89
CA SER B 42 -2.33 -13.65 -4.34
C SER B 42 -0.94 -13.22 -4.80
N PHE B 43 -0.49 -12.06 -4.33
CA PHE B 43 0.85 -11.59 -4.68
C PHE B 43 1.94 -12.52 -4.15
N TYR B 44 1.73 -13.13 -2.99
CA TYR B 44 2.73 -14.05 -2.45
C TYR B 44 2.69 -15.39 -3.18
N LEU B 45 1.52 -16.02 -3.19
CA LEU B 45 1.29 -17.28 -3.90
C LEU B 45 1.84 -17.22 -5.32
N LEU B 46 1.77 -16.06 -5.94
CA LEU B 46 2.28 -15.89 -7.30
C LEU B 46 3.80 -16.05 -7.31
N SER B 47 4.50 -15.24 -6.50
CA SER B 47 5.96 -15.21 -6.52
C SER B 47 6.54 -16.59 -6.27
N GLN B 48 5.83 -17.43 -5.53
CA GLN B 48 6.29 -18.81 -5.35
C GLN B 48 6.11 -19.62 -6.62
N ALA B 49 4.90 -19.64 -7.17
CA ALA B 49 4.70 -20.36 -8.43
C ALA B 49 5.55 -19.77 -9.55
N THR B 50 5.74 -18.45 -9.54
CA THR B 50 6.62 -17.81 -10.51
C THR B 50 8.07 -18.28 -10.38
N LYS B 51 8.45 -18.81 -9.21
CA LYS B 51 9.78 -19.36 -9.03
C LYS B 51 9.99 -20.57 -9.93
N THR B 52 9.06 -21.52 -9.89
CA THR B 52 9.18 -22.72 -10.71
C THR B 52 8.94 -22.41 -12.18
N LEU B 53 7.91 -21.63 -12.46
CA LEU B 53 7.27 -21.62 -13.76
C LEU B 53 7.83 -20.49 -14.62
N PRO B 54 7.50 -20.46 -15.91
CA PRO B 54 7.86 -19.29 -16.73
C PRO B 54 6.99 -18.10 -16.37
N ILE B 55 7.61 -16.93 -16.25
CA ILE B 55 6.89 -15.75 -15.80
C ILE B 55 5.75 -15.40 -16.75
N GLY B 56 5.92 -15.68 -18.04
CA GLY B 56 4.92 -15.32 -19.03
C GLY B 56 3.65 -16.13 -18.91
N THR B 57 3.77 -17.46 -19.02
CA THR B 57 2.61 -18.32 -18.85
C THR B 57 1.97 -18.10 -17.48
N ALA B 58 2.80 -17.95 -16.44
CA ALA B 58 2.28 -17.76 -15.08
C ALA B 58 1.42 -16.49 -15.00
N TYR B 59 1.96 -15.36 -15.47
CA TYR B 59 1.20 -14.11 -15.43
C TYR B 59 -0.05 -14.21 -16.30
N ALA B 60 0.05 -14.83 -17.47
CA ALA B 60 -1.11 -14.94 -18.33
C ALA B 60 -2.23 -15.69 -17.63
N ILE B 61 -1.92 -16.86 -17.06
CA ILE B 61 -2.95 -17.64 -16.39
C ILE B 61 -3.45 -16.94 -15.14
N TRP B 62 -2.56 -16.27 -14.40
CA TRP B 62 -2.94 -15.56 -13.18
C TRP B 62 -3.97 -14.48 -13.49
N THR B 63 -3.63 -13.55 -14.38
CA THR B 63 -4.58 -12.49 -14.71
C THR B 63 -5.79 -13.02 -15.47
N GLY B 64 -5.64 -14.14 -16.19
CA GLY B 64 -6.79 -14.73 -16.86
C GLY B 64 -7.83 -15.19 -15.86
N ILE B 65 -7.40 -15.97 -14.87
CA ILE B 65 -8.31 -16.40 -13.82
C ILE B 65 -8.89 -15.19 -13.11
N GLY B 66 -8.03 -14.26 -12.71
CA GLY B 66 -8.47 -13.04 -12.05
C GLY B 66 -9.58 -12.30 -12.78
N ALA B 67 -9.32 -11.90 -14.03
CA ALA B 67 -10.26 -11.09 -14.79
C ALA B 67 -11.52 -11.87 -15.14
N LEU B 68 -11.38 -13.12 -15.62
CA LEU B 68 -12.55 -13.89 -15.99
C LEU B 68 -13.45 -14.14 -14.79
N GLY B 69 -12.86 -14.55 -13.66
CA GLY B 69 -13.64 -14.71 -12.45
C GLY B 69 -14.26 -13.42 -11.97
N ALA B 70 -13.55 -12.30 -12.12
CA ALA B 70 -14.14 -11.01 -11.78
C ALA B 70 -15.39 -10.76 -12.59
N VAL B 71 -15.30 -10.91 -13.92
CA VAL B 71 -16.46 -10.68 -14.77
C VAL B 71 -17.61 -11.63 -14.41
N ILE B 72 -17.29 -12.90 -14.20
CA ILE B 72 -18.33 -13.91 -13.95
C ILE B 72 -19.00 -13.67 -12.61
N CYS B 73 -18.20 -13.63 -11.53
CA CYS B 73 -18.74 -13.35 -10.21
C CYS B 73 -19.38 -11.97 -10.12
N GLY B 74 -19.09 -11.08 -11.05
CA GLY B 74 -19.76 -9.80 -11.09
C GLY B 74 -21.14 -9.91 -11.67
N ILE B 75 -21.27 -10.57 -12.82
CA ILE B 75 -22.60 -10.76 -13.38
C ILE B 75 -23.44 -11.63 -12.46
N ILE B 76 -22.80 -12.43 -11.60
CA ILE B 76 -23.55 -13.26 -10.66
C ILE B 76 -23.93 -12.45 -9.42
N PHE B 77 -22.93 -12.05 -8.65
CA PHE B 77 -23.19 -11.45 -7.34
C PHE B 77 -23.92 -10.10 -7.48
N PHE B 78 -23.43 -9.23 -8.35
CA PHE B 78 -23.90 -7.87 -8.44
C PHE B 78 -24.79 -7.63 -9.64
N LYS B 79 -25.30 -8.70 -10.25
CA LYS B 79 -26.22 -8.62 -11.39
C LYS B 79 -25.72 -7.64 -12.45
N GLU B 80 -24.43 -7.75 -12.75
CA GLU B 80 -23.84 -6.85 -13.72
C GLU B 80 -24.26 -7.25 -15.14
N PRO B 81 -24.27 -6.30 -16.08
CA PRO B 81 -24.89 -6.56 -17.39
C PRO B 81 -24.28 -7.76 -18.10
N LEU B 82 -25.15 -8.54 -18.74
CA LEU B 82 -24.76 -9.70 -19.54
C LEU B 82 -25.21 -9.48 -20.97
N THR B 83 -24.60 -8.52 -21.64
CA THR B 83 -24.92 -8.19 -23.02
C THR B 83 -24.00 -8.96 -23.97
N ALA B 84 -24.45 -9.11 -25.22
CA ALA B 84 -23.59 -9.72 -26.23
C ALA B 84 -22.41 -8.82 -26.55
N LEU B 85 -22.63 -7.51 -26.63
CA LEU B 85 -21.52 -6.60 -26.88
C LEU B 85 -20.53 -6.61 -25.72
N ARG B 86 -21.03 -6.67 -24.49
CA ARG B 86 -20.13 -6.68 -23.33
C ARG B 86 -19.29 -7.94 -23.31
N ILE B 87 -19.90 -9.11 -23.53
CA ILE B 87 -19.11 -10.33 -23.54
C ILE B 87 -18.13 -10.32 -24.70
N VAL B 88 -18.52 -9.77 -25.85
CA VAL B 88 -17.61 -9.73 -27.00
C VAL B 88 -16.39 -8.86 -26.68
N PHE B 89 -16.61 -7.64 -26.21
CA PHE B 89 -15.47 -6.76 -25.97
C PHE B 89 -14.66 -7.22 -24.76
N MSE B 90 -15.29 -7.94 -23.84
CA MSE B 90 -14.57 -8.51 -22.71
C MSE B 90 -13.68 -9.63 -23.20
O MSE B 90 -12.55 -9.76 -22.75
CB MSE B 90 -15.56 -9.03 -21.66
CG MSE B 90 -14.90 -9.38 -20.35
SE MSE B 90 -14.06 -7.85 -19.49
CE MSE B 90 -15.66 -6.90 -18.86
N ILE B 91 -14.19 -10.44 -24.12
CA ILE B 91 -13.36 -11.47 -24.73
C ILE B 91 -12.16 -10.84 -25.41
N LEU B 92 -12.39 -9.76 -26.17
CA LEU B 92 -11.29 -9.11 -26.86
C LEU B 92 -10.25 -8.58 -25.87
N LEU B 93 -10.71 -7.89 -24.83
CA LEU B 93 -9.79 -7.34 -23.83
C LEU B 93 -9.01 -8.45 -23.13
N LEU B 94 -9.68 -9.51 -22.73
CA LEU B 94 -9.00 -10.58 -22.00
C LEU B 94 -8.01 -11.32 -22.90
N THR B 95 -8.36 -11.52 -24.18
CA THR B 95 -7.41 -12.18 -25.08
C THR B 95 -6.20 -11.30 -25.34
N GLY B 96 -6.41 -9.99 -25.48
CA GLY B 96 -5.28 -9.10 -25.63
C GLY B 96 -4.38 -9.12 -24.41
N ILE B 97 -4.97 -9.09 -23.22
CA ILE B 97 -4.20 -9.13 -21.97
C ILE B 97 -3.39 -10.42 -21.91
N ILE B 98 -4.08 -11.55 -22.12
CA ILE B 98 -3.44 -12.86 -21.99
C ILE B 98 -2.33 -13.01 -23.02
N GLY B 99 -2.52 -12.47 -24.23
CA GLY B 99 -1.49 -12.59 -25.25
C GLY B 99 -0.27 -11.73 -24.93
N LEU B 100 -0.50 -10.46 -24.59
CA LEU B 100 0.62 -9.61 -24.21
C LEU B 100 1.39 -10.17 -23.02
N LYS B 101 0.71 -10.87 -22.11
CA LYS B 101 1.44 -11.47 -21.00
C LYS B 101 2.10 -12.79 -21.38
N ALA B 102 1.52 -13.53 -22.33
CA ALA B 102 2.16 -14.76 -22.79
C ALA B 102 3.39 -14.48 -23.62
N THR B 103 3.50 -13.29 -24.20
CA THR B 103 4.71 -12.94 -24.93
C THR B 103 5.81 -12.51 -23.98
N SER B 104 5.68 -11.30 -23.42
CA SER B 104 6.69 -10.69 -22.57
C SER B 104 7.12 -11.61 -21.43
N SER C 3 30.24 0.89 -2.85
CA SER C 3 29.82 2.18 -3.37
C SER C 3 29.10 3.01 -2.31
N VAL C 4 28.37 2.37 -1.42
CA VAL C 4 27.70 3.03 -0.30
C VAL C 4 27.78 2.13 0.92
N PRO C 5 27.89 2.69 2.15
CA PRO C 5 28.04 4.13 2.37
C PRO C 5 29.49 4.58 2.34
N THR C 6 29.71 5.90 2.33
CA THR C 6 31.04 6.46 2.27
C THR C 6 31.30 7.38 3.45
N LYS C 7 32.59 7.53 3.77
CA LYS C 7 33.09 8.62 4.62
C LYS C 7 32.49 8.56 6.03
N LEU C 8 32.73 7.43 6.70
CA LEU C 8 32.28 7.28 8.09
C LEU C 8 33.23 8.03 9.01
N GLU C 9 32.69 8.96 9.78
CA GLU C 9 33.53 9.75 10.67
C GLU C 9 32.68 10.23 11.84
N VAL C 10 33.36 10.54 12.94
CA VAL C 10 32.70 11.01 14.15
C VAL C 10 32.60 12.53 14.07
N VAL C 11 31.39 13.03 13.82
CA VAL C 11 31.18 14.47 13.80
C VAL C 11 31.49 15.06 15.18
N ALA C 12 30.94 14.47 16.23
CA ALA C 12 31.16 15.01 17.57
C ALA C 12 31.34 13.86 18.55
N ALA C 13 32.00 14.13 19.67
CA ALA C 13 32.29 13.06 20.59
C ALA C 13 32.28 13.56 22.02
N THR C 14 31.84 12.69 22.91
CA THR C 14 31.81 12.88 24.36
C THR C 14 32.28 11.59 25.00
N PRO C 15 32.87 11.64 26.22
CA PRO C 15 33.24 10.39 26.91
C PRO C 15 32.23 9.27 26.82
N THR C 16 30.94 9.58 26.71
CA THR C 16 29.91 8.56 26.68
C THR C 16 29.18 8.42 25.35
N SER C 17 29.27 9.41 24.46
CA SER C 17 28.45 9.40 23.25
C SER C 17 29.27 9.84 22.05
N LEU C 18 28.88 9.34 20.89
CA LEU C 18 29.53 9.67 19.62
C LEU C 18 28.47 9.99 18.58
N LEU C 19 28.57 11.16 17.95
CA LEU C 19 27.71 11.53 16.84
C LEU C 19 28.51 11.30 15.56
N ILE C 20 28.09 10.28 14.80
CA ILE C 20 28.75 9.84 13.57
C ILE C 20 27.87 10.20 12.38
N SER C 21 28.49 10.22 11.20
CA SER C 21 27.75 10.46 9.97
C SER C 21 28.50 9.84 8.81
N TRP C 22 27.81 9.70 7.68
CA TRP C 22 28.35 9.08 6.48
C TRP C 22 27.78 9.80 5.25
N ASP C 23 28.18 9.34 4.07
CA ASP C 23 27.74 9.91 2.80
C ASP C 23 26.83 8.90 2.11
N ALA C 24 25.52 9.18 2.13
CA ALA C 24 24.55 8.21 1.62
C ALA C 24 24.73 7.96 0.13
N GLY C 25 25.35 8.87 -0.60
CA GLY C 25 25.58 8.72 -2.02
C GLY C 25 24.63 9.54 -2.86
N HIS C 26 24.52 9.16 -4.12
CA HIS C 26 23.58 9.81 -5.02
C HIS C 26 22.18 9.24 -4.81
N TRP C 27 21.18 10.01 -5.26
CA TRP C 27 19.79 9.66 -4.98
C TRP C 27 19.43 8.27 -5.48
N TRP C 28 20.06 7.81 -6.55
CA TRP C 28 19.82 6.46 -7.01
C TRP C 28 20.55 5.42 -6.17
N GLU C 29 21.49 5.85 -5.32
CA GLU C 29 22.21 4.94 -4.44
C GLU C 29 21.61 4.88 -3.04
N TRP C 30 20.75 5.83 -2.69
CA TRP C 30 20.16 5.85 -1.36
C TRP C 30 19.43 4.55 -1.08
N VAL C 31 19.65 4.00 0.11
CA VAL C 31 19.03 2.77 0.51
C VAL C 31 17.85 3.08 1.43
N THR C 32 17.10 2.04 1.80
CA THR C 32 15.94 2.25 2.65
C THR C 32 16.31 2.36 4.12
N TYR C 33 17.52 1.96 4.49
CA TYR C 33 17.95 1.98 5.88
C TYR C 33 19.39 1.52 5.94
N TYR C 34 20.08 1.99 6.96
CA TYR C 34 21.39 1.50 7.30
C TYR C 34 21.32 0.83 8.66
N ARG C 35 22.25 -0.10 8.89
CA ARG C 35 22.33 -0.78 10.19
C ARG C 35 23.70 -0.51 10.80
N ILE C 36 23.71 -0.12 12.06
CA ILE C 36 24.90 0.36 12.74
C ILE C 36 25.20 -0.55 13.91
N THR C 37 26.49 -0.85 14.08
CA THR C 37 26.98 -1.84 15.04
C THR C 37 28.17 -1.25 15.77
N TYR C 38 28.08 -1.14 17.10
CA TYR C 38 29.18 -0.58 17.87
C TYR C 38 29.55 -1.55 18.98
N GLY C 39 30.87 -1.73 19.17
CA GLY C 39 31.31 -2.67 20.20
C GLY C 39 32.74 -2.43 20.63
N GLU C 40 33.07 -2.96 21.81
CA GLU C 40 34.43 -2.86 22.32
C GLU C 40 35.40 -3.51 21.35
N THR C 41 36.34 -2.70 20.83
CA THR C 41 37.31 -3.15 19.84
C THR C 41 38.11 -4.37 20.31
N GLY C 42 38.04 -4.74 21.59
CA GLY C 42 38.67 -5.98 22.02
C GLY C 42 38.04 -7.23 21.44
N GLY C 43 37.67 -8.18 22.30
CA GLY C 43 37.16 -9.44 21.80
C GLY C 43 35.90 -9.96 22.47
N ASN C 44 34.98 -9.06 22.80
CA ASN C 44 33.69 -9.44 23.37
C ASN C 44 32.64 -9.29 22.29
N SER C 45 32.12 -10.43 21.83
CA SER C 45 31.28 -10.51 20.64
C SER C 45 29.86 -9.97 20.80
N PRO C 46 29.26 -9.89 22.02
CA PRO C 46 27.97 -9.21 22.12
C PRO C 46 28.07 -7.73 21.80
N VAL C 47 28.08 -7.41 20.51
CA VAL C 47 28.08 -6.02 20.08
C VAL C 47 26.73 -5.41 20.46
N GLN C 48 26.59 -4.10 20.27
CA GLN C 48 25.29 -3.44 20.30
C GLN C 48 24.94 -3.02 18.89
N GLU C 49 23.65 -3.10 18.55
CA GLU C 49 23.21 -2.92 17.19
C GLU C 49 21.93 -2.10 17.16
N PHE C 50 21.78 -1.29 16.12
CA PHE C 50 20.51 -0.61 15.85
C PHE C 50 20.46 -0.30 14.37
N THR C 51 19.37 0.34 13.95
CA THR C 51 19.20 0.72 12.55
C THR C 51 18.76 2.17 12.45
N VAL C 52 18.76 2.68 11.22
CA VAL C 52 18.53 4.08 10.93
C VAL C 52 17.84 4.17 9.57
N PRO C 53 16.82 5.02 9.43
CA PRO C 53 16.13 5.14 8.14
C PRO C 53 17.08 5.62 7.05
N GLY C 54 16.85 5.12 5.83
CA GLY C 54 17.72 5.44 4.72
C GLY C 54 17.86 6.92 4.43
N TYR C 55 16.87 7.73 4.84
CA TYR C 55 16.98 9.16 4.57
C TYR C 55 17.90 9.86 5.57
N SER C 56 18.20 9.23 6.70
CA SER C 56 19.12 9.80 7.66
C SER C 56 20.55 9.44 7.27
N SER C 57 21.44 10.41 7.39
CA SER C 57 22.85 10.20 7.13
C SER C 57 23.71 10.25 8.39
N THR C 58 23.13 10.61 9.53
CA THR C 58 23.85 10.68 10.80
C THR C 58 23.25 9.72 11.80
N ALA C 59 23.96 9.52 12.91
CA ALA C 59 23.47 8.67 13.99
C ALA C 59 24.24 8.98 15.26
N THR C 60 23.52 9.08 16.37
CA THR C 60 24.14 9.27 17.67
C THR C 60 24.20 7.94 18.41
N ILE C 61 25.22 7.80 19.25
CA ILE C 61 25.49 6.56 19.95
C ILE C 61 25.80 6.88 21.40
N SER C 62 24.87 6.59 22.30
CA SER C 62 25.03 6.93 23.70
C SER C 62 25.43 5.70 24.51
N GLY C 63 25.79 5.94 25.77
CA GLY C 63 26.03 4.87 26.71
C GLY C 63 27.34 4.13 26.53
N LEU C 64 28.40 4.83 26.17
CA LEU C 64 29.71 4.20 26.04
C LEU C 64 30.53 4.42 27.31
N LYS C 65 31.32 3.41 27.66
CA LYS C 65 32.20 3.53 28.82
C LYS C 65 33.33 4.50 28.49
N PRO C 66 33.57 5.52 29.32
CA PRO C 66 34.62 6.50 29.00
C PRO C 66 36.00 5.86 28.93
N GLY C 67 36.82 6.36 28.01
CA GLY C 67 38.17 5.89 27.84
C GLY C 67 38.33 4.63 27.02
N VAL C 68 37.26 3.86 26.82
CA VAL C 68 37.38 2.64 26.02
C VAL C 68 37.46 2.99 24.54
N ASP C 69 38.00 2.06 23.76
CA ASP C 69 38.11 2.18 22.31
C ASP C 69 37.08 1.28 21.66
N TYR C 70 36.21 1.87 20.84
CA TYR C 70 35.13 1.14 20.20
C TYR C 70 35.32 1.09 18.69
N THR C 71 34.83 -0.01 18.11
CA THR C 71 34.70 -0.16 16.68
C THR C 71 33.25 0.05 16.27
N ILE C 72 33.07 0.79 15.17
CA ILE C 72 31.77 1.26 14.73
C ILE C 72 31.62 0.95 13.25
N THR C 73 30.55 0.23 12.90
CA THR C 73 30.34 -0.29 11.56
C THR C 73 28.98 0.14 11.03
N VAL C 74 28.95 0.53 9.75
CA VAL C 74 27.74 0.88 9.04
C VAL C 74 27.59 -0.08 7.86
N TYR C 75 26.41 -0.69 7.77
CA TYR C 75 26.06 -1.64 6.72
C TYR C 75 24.86 -1.11 5.94
N ALA C 76 24.89 -1.33 4.63
CA ALA C 76 23.73 -1.16 3.77
C ALA C 76 22.78 -2.34 3.99
N PRO C 77 21.56 -2.28 3.45
CA PRO C 77 20.64 -3.42 3.64
C PRO C 77 21.20 -4.74 3.11
N THR C 78 21.76 -4.72 1.90
CA THR C 78 22.29 -5.92 1.27
C THR C 78 23.76 -5.74 0.97
N SER C 79 24.42 -6.88 0.70
CA SER C 79 25.81 -6.83 0.27
C SER C 79 25.94 -6.28 -1.15
N ASP C 80 24.81 -6.14 -1.87
CA ASP C 80 24.84 -5.63 -3.24
C ASP C 80 25.60 -4.30 -3.31
N TYR C 81 25.19 -3.34 -2.47
CA TYR C 81 25.53 -1.95 -2.71
C TYR C 81 27.02 -1.69 -2.52
N GLY C 82 27.65 -2.37 -1.58
CA GLY C 82 29.07 -2.19 -1.38
C GLY C 82 29.60 -2.93 -0.17
N SER C 83 30.69 -2.43 0.39
CA SER C 83 31.24 -3.05 1.59
C SER C 83 30.85 -2.26 2.82
N PRO C 84 30.56 -2.93 3.94
CA PRO C 84 30.31 -2.20 5.18
C PRO C 84 31.56 -1.47 5.64
N ILE C 85 31.39 -0.24 6.13
CA ILE C 85 32.54 0.57 6.49
C ILE C 85 32.58 0.74 8.00
N SER C 86 33.78 0.83 8.54
CA SER C 86 33.92 0.85 10.00
C SER C 86 35.15 1.66 10.39
N ILE C 87 35.11 2.19 11.62
CA ILE C 87 36.17 3.01 12.17
C ILE C 87 36.40 2.63 13.63
N ASN C 88 37.51 3.11 14.18
CA ASN C 88 37.87 2.98 15.57
C ASN C 88 37.88 4.35 16.23
N TYR C 89 37.53 4.38 17.51
CA TYR C 89 37.54 5.65 18.23
C TYR C 89 37.60 5.40 19.73
N ARG C 90 38.52 6.09 20.41
CA ARG C 90 38.58 6.07 21.87
C ARG C 90 37.81 7.26 22.42
N THR C 91 36.86 6.99 23.30
CA THR C 91 35.99 8.02 23.83
C THR C 91 36.73 8.98 24.75
N PRO D 5 -23.13 4.63 13.36
CA PRO D 5 -23.03 4.00 14.68
C PRO D 5 -24.15 4.45 15.62
N THR D 6 -24.14 3.96 16.85
CA THR D 6 -25.12 4.35 17.86
C THR D 6 -24.44 4.29 19.23
N LYS D 7 -25.18 4.72 20.26
CA LYS D 7 -24.83 4.49 21.66
C LYS D 7 -23.53 5.19 22.05
N LEU D 8 -23.52 6.51 21.87
CA LEU D 8 -22.35 7.33 22.18
C LEU D 8 -22.37 7.68 23.66
N GLU D 9 -21.71 6.85 24.47
CA GLU D 9 -21.60 7.09 25.90
C GLU D 9 -20.27 7.73 26.22
N VAL D 10 -20.22 8.40 27.38
CA VAL D 10 -18.97 8.86 27.97
C VAL D 10 -18.60 7.85 29.03
N VAL D 11 -17.68 6.94 28.70
CA VAL D 11 -17.32 5.87 29.63
C VAL D 11 -16.73 6.47 30.90
N ALA D 12 -15.59 7.15 30.78
CA ALA D 12 -14.94 7.77 31.91
C ALA D 12 -14.71 9.24 31.61
N ALA D 13 -14.28 9.99 32.63
CA ALA D 13 -14.03 11.41 32.45
C ALA D 13 -13.22 11.94 33.62
N THR D 14 -12.23 12.74 33.31
CA THR D 14 -11.50 13.59 34.24
C THR D 14 -11.77 15.04 33.89
N PRO D 15 -11.34 16.00 34.74
CA PRO D 15 -11.52 17.42 34.38
C PRO D 15 -10.99 17.80 33.01
N THR D 16 -9.98 17.10 32.49
CA THR D 16 -9.32 17.51 31.26
C THR D 16 -9.42 16.48 30.14
N SER D 17 -10.24 15.44 30.29
CA SER D 17 -10.32 14.43 29.24
C SER D 17 -11.57 13.57 29.43
N LEU D 18 -12.08 13.08 28.31
CA LEU D 18 -13.22 12.17 28.29
C LEU D 18 -12.83 10.87 27.59
N LEU D 19 -13.40 9.77 28.07
CA LEU D 19 -13.37 8.50 27.37
C LEU D 19 -14.75 8.22 26.82
N ILE D 20 -14.85 8.01 25.50
CA ILE D 20 -16.13 7.86 24.83
C ILE D 20 -16.18 6.50 24.15
N SER D 21 -17.40 5.99 23.99
CA SER D 21 -17.63 4.71 23.33
C SER D 21 -18.90 4.79 22.52
N TRP D 22 -19.04 3.85 21.58
CA TRP D 22 -20.18 3.81 20.68
C TRP D 22 -20.36 2.39 20.18
N ASP D 23 -21.60 2.08 19.77
CA ASP D 23 -21.91 0.76 19.24
C ASP D 23 -21.64 0.75 17.74
N ALA D 24 -20.73 -0.12 17.31
CA ALA D 24 -20.38 -0.17 15.90
C ALA D 24 -21.45 -0.88 15.08
N GLY D 25 -22.16 -1.81 15.71
CA GLY D 25 -23.00 -2.74 15.00
C GLY D 25 -22.37 -4.11 15.06
N HIS D 26 -22.53 -4.89 14.00
CA HIS D 26 -21.82 -6.16 13.88
C HIS D 26 -21.40 -6.35 12.43
N TRP D 27 -20.20 -6.89 12.25
CA TRP D 27 -19.77 -7.49 10.99
C TRP D 27 -19.97 -6.58 9.79
N TRP D 28 -21.19 -6.50 9.28
CA TRP D 28 -21.43 -5.80 8.02
C TRP D 28 -21.59 -4.30 8.20
N GLU D 29 -22.02 -3.85 9.37
CA GLU D 29 -22.17 -2.42 9.62
C GLU D 29 -20.83 -1.75 9.91
N TRP D 30 -19.79 -2.53 10.20
CA TRP D 30 -18.51 -1.97 10.58
C TRP D 30 -17.92 -1.15 9.44
N VAL D 31 -17.16 -0.12 9.81
CA VAL D 31 -16.50 0.75 8.86
C VAL D 31 -15.00 0.72 9.15
N THR D 32 -14.23 1.30 8.22
CA THR D 32 -12.78 1.27 8.36
C THR D 32 -12.25 2.37 9.29
N TYR D 33 -13.00 3.44 9.50
CA TYR D 33 -12.56 4.50 10.38
C TYR D 33 -13.75 5.33 10.82
N TYR D 34 -13.71 5.77 12.08
CA TYR D 34 -14.66 6.75 12.59
C TYR D 34 -13.96 8.08 12.76
N ARG D 35 -14.74 9.16 12.70
CA ARG D 35 -14.19 10.50 12.79
C ARG D 35 -14.86 11.24 13.94
N ILE D 36 -14.08 11.62 14.95
CA ILE D 36 -14.60 12.20 16.18
C ILE D 36 -14.24 13.67 16.19
N THR D 37 -15.27 14.52 16.29
CA THR D 37 -15.07 15.95 16.45
C THR D 37 -15.62 16.39 17.79
N TYR D 38 -15.08 17.47 18.32
CA TYR D 38 -15.49 17.97 19.62
C TYR D 38 -15.14 19.44 19.75
N GLY D 39 -15.97 20.17 20.49
CA GLY D 39 -15.70 21.57 20.72
C GLY D 39 -16.67 22.18 21.70
N GLU D 40 -16.30 23.37 22.19
CA GLU D 40 -17.17 24.11 23.10
C GLU D 40 -18.56 24.25 22.51
N THR D 41 -19.57 23.81 23.27
CA THR D 41 -20.94 23.78 22.76
C THR D 41 -21.36 25.12 22.19
N GLY D 42 -20.85 26.20 22.74
CA GLY D 42 -21.05 27.52 22.17
C GLY D 42 -19.80 28.36 22.37
N GLY D 43 -19.52 29.19 21.37
CA GLY D 43 -18.35 30.06 21.46
C GLY D 43 -17.57 30.08 20.17
N ASN D 44 -18.18 29.57 19.11
CA ASN D 44 -17.57 29.44 17.80
C ASN D 44 -16.27 28.64 17.89
N SER D 45 -15.12 29.34 17.83
CA SER D 45 -13.84 28.68 17.65
C SER D 45 -13.93 27.90 16.34
N PRO D 46 -13.04 26.96 16.07
CA PRO D 46 -13.45 25.85 15.20
C PRO D 46 -13.89 24.70 16.09
N VAL D 47 -13.92 23.49 15.56
CA VAL D 47 -13.99 22.30 16.37
C VAL D 47 -12.70 21.51 16.14
N GLN D 48 -12.28 20.79 17.16
CA GLN D 48 -11.19 19.84 16.96
C GLN D 48 -11.75 18.57 16.35
N GLU D 49 -10.93 17.88 15.57
CA GLU D 49 -11.37 16.60 15.03
C GLU D 49 -10.16 15.70 14.83
N PHE D 50 -10.36 14.41 15.13
CA PHE D 50 -9.38 13.38 14.85
C PHE D 50 -10.11 12.17 14.30
N THR D 51 -9.36 11.14 13.94
CA THR D 51 -9.94 9.95 13.33
C THR D 51 -9.34 8.70 13.95
N VAL D 52 -10.19 7.71 14.18
CA VAL D 52 -9.77 6.46 14.81
C VAL D 52 -10.06 5.29 13.88
N PRO D 53 -9.26 4.22 13.93
CA PRO D 53 -9.53 3.06 13.07
C PRO D 53 -10.87 2.41 13.41
N GLY D 54 -11.51 1.87 12.38
CA GLY D 54 -12.86 1.36 12.51
C GLY D 54 -13.01 0.09 13.30
N TYR D 55 -11.92 -0.53 13.74
CA TYR D 55 -12.08 -1.73 14.58
C TYR D 55 -12.27 -1.36 16.04
N SER D 56 -11.79 -0.20 16.46
CA SER D 56 -11.99 0.26 17.83
C SER D 56 -13.32 0.99 17.96
N SER D 57 -14.05 0.70 19.02
CA SER D 57 -15.31 1.35 19.31
C SER D 57 -15.22 2.35 20.45
N THR D 58 -14.00 2.74 20.83
CA THR D 58 -13.78 3.72 21.88
C THR D 58 -12.82 4.79 21.39
N ALA D 59 -12.77 5.90 22.12
CA ALA D 59 -11.90 7.01 21.79
C ALA D 59 -11.63 7.83 23.04
N THR D 60 -10.55 8.60 23.00
CA THR D 60 -10.10 9.38 24.14
C THR D 60 -9.87 10.82 23.73
N ILE D 61 -10.74 11.71 24.18
CA ILE D 61 -10.58 13.13 23.94
C ILE D 61 -9.79 13.74 25.10
N SER D 62 -8.74 14.47 24.79
CA SER D 62 -7.84 14.94 25.83
C SER D 62 -7.58 16.43 25.65
N GLY D 63 -7.03 17.03 26.71
CA GLY D 63 -6.63 18.42 26.67
C GLY D 63 -7.79 19.40 26.74
N LEU D 64 -8.81 19.08 27.52
CA LEU D 64 -10.01 19.90 27.61
C LEU D 64 -9.89 20.88 28.77
N LYS D 65 -10.65 21.96 28.68
CA LYS D 65 -10.75 22.90 29.79
C LYS D 65 -11.75 22.36 30.82
N PRO D 66 -11.40 22.35 32.10
CA PRO D 66 -12.34 21.84 33.10
C PRO D 66 -13.51 22.78 33.31
N GLY D 67 -14.69 22.19 33.52
CA GLY D 67 -15.90 22.95 33.78
C GLY D 67 -16.66 23.40 32.55
N VAL D 68 -16.12 23.21 31.35
CA VAL D 68 -16.74 23.70 30.13
C VAL D 68 -17.63 22.61 29.54
N ASP D 69 -18.72 23.03 28.92
CA ASP D 69 -19.62 22.10 28.24
C ASP D 69 -19.16 21.94 26.81
N TYR D 70 -18.65 20.77 26.47
CA TYR D 70 -18.28 20.41 25.11
C TYR D 70 -19.38 19.61 24.46
N THR D 71 -19.33 19.56 23.14
CA THR D 71 -20.17 18.69 22.33
C THR D 71 -19.25 17.80 21.50
N ILE D 72 -19.59 16.51 21.44
CA ILE D 72 -18.80 15.49 20.78
C ILE D 72 -19.67 14.77 19.77
N THR D 73 -19.16 14.57 18.57
CA THR D 73 -19.87 13.82 17.54
C THR D 73 -18.94 12.80 16.90
N VAL D 74 -19.55 11.69 16.47
CA VAL D 74 -18.87 10.60 15.80
C VAL D 74 -19.52 10.40 14.44
N TYR D 75 -18.69 10.35 13.40
CA TYR D 75 -19.10 10.18 12.02
C TYR D 75 -18.58 8.87 11.46
N ALA D 76 -19.41 8.23 10.63
CA ALA D 76 -18.95 7.15 9.76
C ALA D 76 -18.26 7.76 8.55
N PRO D 77 -17.57 6.93 7.74
CA PRO D 77 -16.93 7.47 6.52
C PRO D 77 -17.88 8.24 5.62
N THR D 78 -19.06 7.71 5.35
CA THR D 78 -20.03 8.40 4.51
C THR D 78 -21.37 8.46 5.24
N SER D 79 -22.28 9.27 4.69
CA SER D 79 -23.61 9.39 5.23
C SER D 79 -24.51 8.21 4.87
N ASP D 80 -24.04 7.31 4.00
CA ASP D 80 -24.82 6.14 3.61
C ASP D 80 -24.78 5.02 4.63
N TYR D 81 -24.80 5.35 5.92
CA TYR D 81 -24.68 4.31 6.95
C TYR D 81 -25.72 4.50 8.06
N GLY D 82 -25.31 5.08 9.18
CA GLY D 82 -26.20 5.19 10.33
C GLY D 82 -26.26 6.56 10.96
N SER D 83 -25.95 7.62 10.19
CA SER D 83 -26.08 9.02 10.60
C SER D 83 -25.07 9.40 11.67
N PRO D 84 -24.72 10.67 11.81
CA PRO D 84 -23.72 11.07 12.81
C PRO D 84 -24.31 11.09 14.22
N ILE D 85 -23.57 10.52 15.18
CA ILE D 85 -24.06 10.49 16.55
C ILE D 85 -23.45 11.65 17.33
N SER D 86 -24.22 12.24 18.24
CA SER D 86 -23.77 13.45 18.92
C SER D 86 -24.27 13.48 20.36
N ILE D 87 -23.44 14.06 21.24
CA ILE D 87 -23.77 14.27 22.64
C ILE D 87 -23.15 15.57 23.12
N ASN D 88 -23.62 16.04 24.27
CA ASN D 88 -23.00 17.12 25.03
C ASN D 88 -22.53 16.56 26.37
N TYR D 89 -21.60 17.29 26.99
CA TYR D 89 -21.02 16.82 28.23
C TYR D 89 -20.17 17.92 28.84
N ARG D 90 -20.28 18.10 30.15
CA ARG D 90 -19.50 19.08 30.88
C ARG D 90 -18.42 18.37 31.69
N THR D 91 -17.21 18.91 31.64
CA THR D 91 -16.06 18.31 32.32
C THR D 91 -15.94 18.70 33.79
#